data_3G2Y
#
_entry.id   3G2Y
#
_cell.length_a   45.154
_cell.length_b   106.877
_cell.length_c   47.703
_cell.angle_alpha   90.000
_cell.angle_beta   101.910
_cell.angle_gamma   90.000
#
_symmetry.space_group_name_H-M   'P 1 21 1'
#
loop_
_entity.id
_entity.type
_entity.pdbx_description
1 polymer 'Beta-lactamase CTX-M-9a'
2 non-polymer 4-ethyl-5-methyl-2-(1H-tetrazol-5-yl)-1,2-dihydro-3H-pyrazol-3-one
3 non-polymer 'DIMETHYL SULFOXIDE'
4 water water
#
_entity_poly.entity_id   1
_entity_poly.type   'polypeptide(L)'
_entity_poly.pdbx_seq_one_letter_code
;(PCA)TSAVQQKLAALEKSSGGRLGVALIDTADNTQVLYRGDERFPMCSTSKVMAAAAVLKQSETQKQLLNQPVEIKPAD
LVNYNPIAEKHVNGTMTLAELSAAALQYSDNTAMNKLIAQLGGPGGVTAFARAIGDETFRLDRTEPTLNTAIPGDPRDTT
TPRAMAQTLRQLTLGHALGETQRAQLVTWLKGNTTGAASIRAGLPTSWTAGDKTGSGDYGTTNDIAVIWPQGRAPLVLVT
YFTQPQQNAESRRDVLASAARIIAEGL
;
_entity_poly.pdbx_strand_id   A,B
#
# COMPACT_ATOMS: atom_id res chain seq x y z
N THR A 2 4.02 -0.64 2.94
CA THR A 2 3.52 -1.89 2.40
C THR A 2 2.00 -1.94 2.58
N SER A 3 1.27 -2.07 1.48
CA SER A 3 -0.18 -2.12 1.49
C SER A 3 -0.66 -3.54 1.75
N ALA A 4 -1.95 -3.68 2.04
CA ALA A 4 -2.57 -5.00 2.24
C ALA A 4 -2.40 -5.86 0.99
N VAL A 5 -2.59 -5.25 -0.18
CA VAL A 5 -2.39 -5.95 -1.46
C VAL A 5 -0.94 -6.39 -1.61
N GLN A 6 0.02 -5.52 -1.31
CA GLN A 6 1.43 -5.89 -1.37
C GLN A 6 1.78 -7.02 -0.41
N GLN A 7 1.18 -7.00 0.78
CA GLN A 7 1.37 -8.08 1.76
C GLN A 7 0.84 -9.42 1.24
N LYS A 8 -0.31 -9.39 0.59
CA LYS A 8 -0.90 -10.60 -0.01
C LYS A 8 -0.03 -11.14 -1.15
N LEU A 9 0.47 -10.25 -2.00
CA LEU A 9 1.38 -10.63 -3.08
C LEU A 9 2.69 -11.21 -2.54
N ALA A 10 3.19 -10.66 -1.43
CA ALA A 10 4.39 -11.22 -0.80
C ALA A 10 4.17 -12.64 -0.27
N ALA A 11 3.00 -12.88 0.31
CA ALA A 11 2.64 -14.23 0.80
C ALA A 11 2.50 -15.22 -0.36
N LEU A 12 1.86 -14.78 -1.45
CA LEU A 12 1.78 -15.60 -2.67
C LEU A 12 3.18 -15.93 -3.16
N GLU A 13 4.04 -14.91 -3.25
CA GLU A 13 5.40 -15.11 -3.73
C GLU A 13 6.14 -16.13 -2.85
N LYS A 14 6.00 -15.98 -1.53
CA LYS A 14 6.70 -16.87 -0.62
C LYS A 14 6.31 -18.34 -0.85
N SER A 15 5.02 -18.59 -1.06
CA SER A 15 4.52 -19.95 -1.28
C SER A 15 4.85 -20.50 -2.67
N SER A 16 5.25 -19.62 -3.58
CA SER A 16 5.43 -19.97 -4.99
C SER A 16 6.80 -20.56 -5.27
N GLY A 17 7.77 -20.24 -4.43
CA GLY A 17 9.17 -20.64 -4.62
C GLY A 17 10.00 -19.66 -5.44
N GLY A 18 9.31 -18.80 -6.22
CA GLY A 18 9.98 -17.94 -7.19
C GLY A 18 9.91 -16.45 -6.86
N ARG A 19 10.13 -15.64 -7.89
CA ARG A 19 10.15 -14.18 -7.76
C ARG A 19 9.05 -13.61 -8.64
N LEU A 20 8.21 -12.79 -8.02
CA LEU A 20 7.00 -12.26 -8.63
C LEU A 20 7.10 -10.75 -8.77
N GLY A 21 6.74 -10.23 -9.95
CA GLY A 21 6.66 -8.79 -10.19
C GLY A 21 5.30 -8.42 -10.72
N VAL A 22 4.70 -7.38 -10.13
CA VAL A 22 3.35 -6.94 -10.51
C VAL A 22 3.31 -5.43 -10.67
N ALA A 23 2.64 -4.95 -11.71
CA ALA A 23 2.31 -3.54 -11.81
C ALA A 23 0.90 -3.39 -12.34
N LEU A 24 0.09 -2.65 -11.58
CA LEU A 24 -1.27 -2.30 -11.95
C LEU A 24 -1.36 -0.80 -12.17
N ILE A 25 -2.01 -0.39 -13.24
CA ILE A 25 -2.49 0.98 -13.38
C ILE A 25 -4.00 0.94 -13.47
N ASP A 26 -4.68 1.61 -12.55
CA ASP A 26 -6.13 1.72 -12.59
C ASP A 26 -6.45 3.07 -13.23
N THR A 27 -7.00 3.06 -14.45
CA THR A 27 -7.25 4.33 -15.16
C THR A 27 -8.46 5.09 -14.62
N ALA A 28 -9.16 4.52 -13.65
CA ALA A 28 -10.22 5.25 -12.93
C ALA A 28 -9.66 6.46 -12.19
N ASP A 29 -8.45 6.32 -11.65
CA ASP A 29 -7.78 7.38 -10.89
C ASP A 29 -6.28 7.53 -11.20
N ASN A 30 -5.78 6.71 -12.13
CA ASN A 30 -4.36 6.65 -12.50
C ASN A 30 -3.42 6.16 -11.41
N THR A 31 -3.99 5.59 -10.35
CA THR A 31 -3.17 5.06 -9.27
C THR A 31 -2.53 3.74 -9.67
N GLN A 32 -1.50 3.39 -8.92
CA GLN A 32 -0.69 2.23 -9.24
C GLN A 32 -0.52 1.34 -8.03
N VAL A 33 -0.41 0.04 -8.29
CA VAL A 33 -0.02 -0.92 -7.28
C VAL A 33 1.18 -1.66 -7.85
N LEU A 34 2.27 -1.65 -7.11
CA LEU A 34 3.51 -2.26 -7.58
C LEU A 34 4.01 -3.28 -6.59
N TYR A 35 4.55 -4.38 -7.09
CA TYR A 35 5.24 -5.36 -6.28
C TYR A 35 6.50 -5.74 -7.06
N ARG A 36 7.67 -5.45 -6.49
CA ARG A 36 8.94 -5.53 -7.23
C ARG A 36 8.84 -4.77 -8.56
N GLY A 37 8.16 -3.62 -8.51
CA GLY A 37 7.85 -2.87 -9.73
C GLY A 37 9.05 -2.35 -10.50
N ASP A 38 10.18 -2.20 -9.82
CA ASP A 38 11.39 -1.68 -10.45
C ASP A 38 12.49 -2.71 -10.57
N GLU A 39 12.15 -3.98 -10.36
CA GLU A 39 13.10 -5.07 -10.60
C GLU A 39 12.96 -5.56 -12.03
N ARG A 40 14.07 -5.97 -12.63
CA ARG A 40 14.04 -6.50 -13.99
C ARG A 40 13.62 -7.97 -14.02
N PHE A 41 12.88 -8.31 -15.06
CA PHE A 41 12.41 -9.67 -15.34
C PHE A 41 12.58 -9.92 -16.83
N PRO A 42 12.84 -11.18 -17.22
CA PRO A 42 12.89 -11.52 -18.63
C PRO A 42 11.48 -11.44 -19.21
N MET A 43 11.33 -10.75 -20.34
CA MET A 43 10.01 -10.54 -20.94
C MET A 43 9.45 -11.76 -21.65
N CYS A 44 10.34 -12.57 -22.22
CA CYS A 44 9.95 -13.69 -23.08
C CYS A 44 8.95 -13.19 -24.12
N SER A 45 7.90 -13.95 -24.43
CA SER A 45 7.00 -13.57 -25.52
C SER A 45 6.16 -12.32 -25.29
N THR A 46 6.17 -11.75 -24.09
CA THR A 46 5.47 -10.48 -23.90
C THR A 46 6.09 -9.36 -24.73
N SER A 47 7.34 -9.55 -25.17
CA SER A 47 8.01 -8.57 -26.03
C SER A 47 7.38 -8.49 -27.42
N LYS A 48 6.58 -9.48 -27.80
CA LYS A 48 5.87 -9.47 -29.09
C LYS A 48 4.94 -8.28 -29.21
N VAL A 49 4.41 -7.78 -28.09
CA VAL A 49 3.57 -6.59 -28.12
C VAL A 49 4.35 -5.37 -28.62
N MET A 50 5.56 -5.17 -28.11
CA MET A 50 6.37 -4.03 -28.52
CA MET A 50 6.40 -4.05 -28.53
C MET A 50 6.76 -4.12 -30.01
N ALA A 51 7.06 -5.33 -30.48
CA ALA A 51 7.41 -5.50 -31.88
C ALA A 51 6.23 -5.22 -32.81
N ALA A 52 5.06 -5.77 -32.47
CA ALA A 52 3.86 -5.54 -33.28
C ALA A 52 3.48 -4.05 -33.26
N ALA A 53 3.60 -3.42 -32.09
CA ALA A 53 3.29 -2.00 -31.98
C ALA A 53 4.24 -1.15 -32.82
N ALA A 54 5.52 -1.53 -32.87
CA ALA A 54 6.50 -0.77 -33.64
C ALA A 54 6.18 -0.84 -35.13
N VAL A 55 5.71 -2.00 -35.61
CA VAL A 55 5.30 -2.14 -37.00
C VAL A 55 4.02 -1.34 -37.26
N LEU A 56 3.09 -1.36 -36.31
CA LEU A 56 1.92 -0.50 -36.43
C LEU A 56 2.32 0.98 -36.56
N LYS A 57 3.30 1.41 -35.78
CA LYS A 57 3.79 2.78 -35.87
C LYS A 57 4.33 3.07 -37.29
N GLN A 58 5.14 2.16 -37.82
CA GLN A 58 5.62 2.32 -39.20
C GLN A 58 4.46 2.44 -40.21
N SER A 59 3.39 1.69 -39.97
CA SER A 59 2.26 1.67 -40.87
C SER A 59 1.49 3.00 -40.91
N GLU A 60 1.71 3.85 -39.91
CA GLU A 60 1.06 5.17 -39.89
C GLU A 60 1.49 6.03 -41.07
N THR A 61 2.68 5.80 -41.60
CA THR A 61 3.14 6.59 -42.74
C THR A 61 3.22 5.74 -44.03
N GLN A 62 2.74 4.50 -43.94
CA GLN A 62 2.67 3.59 -45.08
C GLN A 62 1.37 2.81 -45.05
N LYS A 63 0.35 3.33 -45.74
CA LYS A 63 -0.99 2.73 -45.78
C LYS A 63 -1.02 1.24 -46.12
N GLN A 64 -0.09 0.82 -46.98
CA GLN A 64 -0.06 -0.54 -47.48
C GLN A 64 0.90 -1.47 -46.74
N LEU A 65 1.58 -0.97 -45.71
CA LEU A 65 2.62 -1.76 -45.05
C LEU A 65 2.10 -3.09 -44.50
N LEU A 66 0.92 -3.08 -43.88
CA LEU A 66 0.39 -4.29 -43.27
C LEU A 66 0.02 -5.36 -44.31
N ASN A 67 -0.09 -4.95 -45.58
CA ASN A 67 -0.34 -5.88 -46.66
C ASN A 67 0.93 -6.34 -47.38
N GLN A 68 2.08 -5.87 -46.92
CA GLN A 68 3.37 -6.19 -47.53
CA GLN A 68 3.34 -6.21 -47.57
C GLN A 68 3.76 -7.65 -47.28
N PRO A 69 4.09 -8.40 -48.36
CA PRO A 69 4.45 -9.81 -48.16
C PRO A 69 5.85 -9.96 -47.59
N VAL A 70 6.03 -11.05 -46.84
CA VAL A 70 7.32 -11.42 -46.29
C VAL A 70 7.48 -12.89 -46.61
N GLU A 71 8.60 -13.24 -47.24
CA GLU A 71 8.85 -14.63 -47.60
C GLU A 71 9.14 -15.46 -46.36
N ILE A 72 8.51 -16.64 -46.31
CA ILE A 72 8.76 -17.60 -45.24
C ILE A 72 9.45 -18.80 -45.85
N LYS A 73 10.72 -18.98 -45.51
CA LYS A 73 11.51 -20.08 -46.03
C LYS A 73 11.64 -21.18 -44.99
N PRO A 74 11.87 -22.44 -45.43
CA PRO A 74 12.09 -23.53 -44.47
C PRO A 74 13.13 -23.19 -43.41
N ALA A 75 14.19 -22.48 -43.80
CA ALA A 75 15.27 -22.10 -42.89
C ALA A 75 14.85 -21.08 -41.83
N ASP A 76 13.74 -20.37 -42.07
CA ASP A 76 13.23 -19.36 -41.13
C ASP A 76 12.54 -19.95 -39.92
N LEU A 77 12.04 -21.18 -40.04
CA LEU A 77 11.31 -21.81 -38.95
C LEU A 77 12.22 -21.99 -37.75
N VAL A 78 11.71 -21.60 -36.58
CA VAL A 78 12.43 -21.81 -35.33
C VAL A 78 11.69 -22.87 -34.50
N ASN A 79 11.55 -22.65 -33.19
CA ASN A 79 11.07 -23.70 -32.29
C ASN A 79 9.57 -23.81 -32.12
N TYR A 80 8.83 -22.77 -32.49
CA TYR A 80 7.39 -22.76 -32.30
C TYR A 80 6.73 -21.89 -33.34
N ASN A 81 6.13 -22.54 -34.33
CA ASN A 81 5.71 -21.88 -35.55
C ASN A 81 4.33 -22.37 -36.01
N PRO A 82 3.31 -22.31 -35.12
CA PRO A 82 2.00 -22.91 -35.43
C PRO A 82 1.32 -22.31 -36.66
N ILE A 83 1.61 -21.04 -36.95
CA ILE A 83 1.03 -20.39 -38.12
C ILE A 83 2.01 -20.37 -39.29
N ALA A 84 3.24 -19.94 -39.03
CA ALA A 84 4.22 -19.79 -40.11
C ALA A 84 4.51 -21.09 -40.86
N GLU A 85 4.47 -22.23 -40.16
CA GLU A 85 4.76 -23.51 -40.82
C GLU A 85 3.78 -23.83 -41.95
N LYS A 86 2.58 -23.25 -41.89
CA LYS A 86 1.57 -23.45 -42.92
C LYS A 86 1.88 -22.69 -44.20
N HIS A 87 2.76 -21.70 -44.10
CA HIS A 87 2.97 -20.77 -45.20
C HIS A 87 4.40 -20.79 -45.73
N VAL A 88 5.17 -21.78 -45.29
CA VAL A 88 6.54 -22.00 -45.75
C VAL A 88 6.57 -22.14 -47.28
N ASN A 89 7.63 -21.60 -47.88
CA ASN A 89 7.76 -21.49 -49.35
C ASN A 89 6.72 -20.58 -50.01
N GLY A 90 6.01 -19.83 -49.17
CA GLY A 90 5.10 -18.79 -49.64
C GLY A 90 5.39 -17.50 -48.88
N THR A 91 4.37 -16.67 -48.75
CA THR A 91 4.52 -15.40 -48.02
C THR A 91 3.40 -15.21 -47.00
N MET A 92 3.69 -14.37 -46.01
CA MET A 92 2.68 -13.86 -45.09
C MET A 92 2.80 -12.34 -45.08
N THR A 93 1.69 -11.63 -44.92
CA THR A 93 1.75 -10.17 -44.81
C THR A 93 2.18 -9.77 -43.40
N LEU A 94 2.60 -8.51 -43.23
CA LEU A 94 2.97 -8.04 -41.90
C LEU A 94 1.78 -8.07 -40.94
N ALA A 95 0.56 -7.85 -41.44
CA ALA A 95 -0.63 -8.02 -40.60
C ALA A 95 -0.77 -9.47 -40.15
N GLU A 96 -0.60 -10.41 -41.07
CA GLU A 96 -0.68 -11.84 -40.73
C GLU A 96 0.38 -12.23 -39.69
N LEU A 97 1.58 -11.70 -39.88
CA LEU A 97 2.68 -11.98 -38.96
C LEU A 97 2.41 -11.39 -37.57
N SER A 98 1.86 -10.18 -37.53
CA SER A 98 1.52 -9.54 -36.26
C SER A 98 0.45 -10.33 -35.51
N ALA A 99 -0.60 -10.72 -36.22
CA ALA A 99 -1.68 -11.52 -35.63
C ALA A 99 -1.15 -12.87 -35.13
N ALA A 100 -0.30 -13.51 -35.93
CA ALA A 100 0.27 -14.81 -35.53
C ALA A 100 1.15 -14.69 -34.30
N ALA A 101 2.00 -13.67 -34.27
CA ALA A 101 2.86 -13.42 -33.11
C ALA A 101 2.04 -13.15 -31.87
N LEU A 102 1.05 -12.26 -31.97
CA LEU A 102 0.29 -11.85 -30.79
C LEU A 102 -0.68 -12.91 -30.31
N GLN A 103 -1.44 -13.50 -31.23
CA GLN A 103 -2.55 -14.35 -30.85
C GLN A 103 -2.17 -15.82 -30.67
N TYR A 104 -1.08 -16.25 -31.30
CA TYR A 104 -0.63 -17.64 -31.20
C TYR A 104 0.79 -17.77 -30.64
N SER A 105 1.45 -16.64 -30.41
CA SER A 105 2.84 -16.62 -29.92
C SER A 105 3.81 -17.27 -30.92
N ASP A 106 3.55 -17.11 -32.21
CA ASP A 106 4.40 -17.69 -33.25
C ASP A 106 5.77 -17.01 -33.28
N ASN A 107 6.83 -17.81 -33.10
CA ASN A 107 8.18 -17.27 -32.97
C ASN A 107 8.83 -16.89 -34.30
N THR A 108 8.49 -17.59 -35.38
CA THR A 108 8.93 -17.20 -36.71
C THR A 108 8.31 -15.85 -37.06
N ALA A 109 7.03 -15.70 -36.73
CA ALA A 109 6.35 -14.42 -36.96
C ALA A 109 7.04 -13.28 -36.21
N MET A 110 7.35 -13.50 -34.94
CA MET A 110 8.12 -12.51 -34.19
C MET A 110 9.42 -12.14 -34.88
N ASN A 111 10.17 -13.14 -35.35
CA ASN A 111 11.45 -12.83 -35.99
C ASN A 111 11.29 -11.98 -37.25
N LYS A 112 10.20 -12.17 -37.99
CA LYS A 112 9.92 -11.33 -39.14
C LYS A 112 9.59 -9.90 -38.74
N LEU A 113 8.87 -9.72 -37.64
CA LEU A 113 8.61 -8.38 -37.13
C LEU A 113 9.90 -7.69 -36.71
N ILE A 114 10.76 -8.42 -35.99
CA ILE A 114 12.05 -7.87 -35.57
C ILE A 114 12.89 -7.48 -36.79
N ALA A 115 12.91 -8.33 -37.82
CA ALA A 115 13.66 -8.02 -39.05
C ALA A 115 13.12 -6.77 -39.75
N GLN A 116 11.81 -6.61 -39.78
CA GLN A 116 11.17 -5.44 -40.37
C GLN A 116 11.57 -4.14 -39.64
N LEU A 117 11.96 -4.27 -38.38
CA LEU A 117 12.39 -3.14 -37.57
C LEU A 117 13.90 -2.95 -37.57
N GLY A 118 14.62 -3.80 -38.29
CA GLY A 118 16.08 -3.67 -38.40
C GLY A 118 16.86 -4.41 -37.33
N GLY A 119 16.20 -5.32 -36.63
CA GLY A 119 16.85 -6.12 -35.59
C GLY A 119 16.32 -5.76 -34.20
N PRO A 120 16.75 -6.51 -33.18
CA PRO A 120 16.24 -6.26 -31.82
C PRO A 120 16.36 -4.81 -31.38
N GLY A 121 17.45 -4.14 -31.72
CA GLY A 121 17.64 -2.74 -31.35
C GLY A 121 16.63 -1.80 -31.96
N GLY A 122 16.01 -2.18 -33.07
CA GLY A 122 14.93 -1.39 -33.65
C GLY A 122 13.68 -1.41 -32.80
N VAL A 123 13.47 -2.54 -32.11
CA VAL A 123 12.34 -2.64 -31.20
C VAL A 123 12.61 -1.77 -29.97
N THR A 124 13.84 -1.84 -29.44
CA THR A 124 14.26 -0.99 -28.34
C THR A 124 14.14 0.50 -28.72
N ALA A 125 14.54 0.85 -29.93
CA ALA A 125 14.44 2.25 -30.37
C ALA A 125 12.98 2.74 -30.34
N PHE A 126 12.05 1.88 -30.76
CA PHE A 126 10.64 2.26 -30.71
C PHE A 126 10.20 2.48 -29.27
N ALA A 127 10.60 1.58 -28.37
CA ALA A 127 10.31 1.74 -26.95
C ALA A 127 10.75 3.12 -26.45
N ARG A 128 11.99 3.50 -26.76
CA ARG A 128 12.51 4.80 -26.35
C ARG A 128 11.68 5.94 -26.94
N ALA A 129 11.25 5.78 -28.19
CA ALA A 129 10.46 6.80 -28.88
C ALA A 129 9.11 7.06 -28.21
N ILE A 130 8.57 6.04 -27.54
CA ILE A 130 7.29 6.21 -26.85
C ILE A 130 7.45 6.40 -25.33
N GLY A 131 8.68 6.71 -24.90
CA GLY A 131 8.94 7.10 -23.52
C GLY A 131 9.34 6.00 -22.57
N ASP A 132 9.60 4.81 -23.10
CA ASP A 132 10.02 3.68 -22.28
C ASP A 132 11.53 3.61 -22.31
N GLU A 133 12.15 3.97 -21.18
CA GLU A 133 13.60 4.00 -21.05
C GLU A 133 14.19 2.71 -20.48
N THR A 134 13.31 1.74 -20.19
CA THR A 134 13.66 0.55 -19.42
C THR A 134 13.76 -0.71 -20.29
N PHE A 135 12.77 -0.89 -21.15
CA PHE A 135 12.69 -2.01 -22.09
C PHE A 135 13.96 -2.18 -22.88
N ARG A 136 14.44 -3.41 -23.02
CA ARG A 136 15.50 -3.68 -23.97
C ARG A 136 15.28 -5.04 -24.61
N LEU A 137 15.33 -5.06 -25.94
CA LEU A 137 15.35 -6.29 -26.70
C LEU A 137 16.73 -6.43 -27.32
N ASP A 138 17.38 -7.55 -27.05
CA ASP A 138 18.77 -7.77 -27.41
C ASP A 138 18.93 -8.91 -28.41
N ARG A 139 17.99 -9.85 -28.38
CA ARG A 139 18.09 -11.07 -29.18
C ARG A 139 16.79 -11.38 -29.90
N THR A 140 16.87 -12.29 -30.87
CA THR A 140 15.71 -12.80 -31.58
C THR A 140 15.16 -14.05 -30.88
N GLU A 141 14.08 -14.60 -31.43
CA GLU A 141 13.58 -15.90 -30.99
C GLU A 141 14.45 -17.00 -31.58
N PRO A 142 14.71 -18.07 -30.82
CA PRO A 142 14.25 -18.35 -29.45
C PRO A 142 15.19 -17.92 -28.32
N THR A 143 16.37 -17.37 -28.63
CA THR A 143 17.34 -17.15 -27.56
C THR A 143 16.94 -16.04 -26.58
N LEU A 144 16.01 -15.17 -26.98
CA LEU A 144 15.53 -14.14 -26.05
C LEU A 144 14.83 -14.73 -24.81
N ASN A 145 14.59 -16.05 -24.81
CA ASN A 145 13.91 -16.74 -23.71
C ASN A 145 14.83 -17.46 -22.72
N THR A 146 16.13 -17.24 -22.80
CA THR A 146 17.04 -17.94 -21.88
C THR A 146 16.77 -17.59 -20.43
N ALA A 147 16.33 -16.35 -20.18
CA ALA A 147 15.79 -15.93 -18.88
C ALA A 147 16.73 -16.18 -17.70
N ILE A 148 18.03 -15.99 -17.93
CA ILE A 148 19.04 -16.29 -16.91
C ILE A 148 18.95 -15.27 -15.77
N PRO A 149 18.86 -15.73 -14.51
CA PRO A 149 18.81 -14.75 -13.43
C PRO A 149 19.99 -13.77 -13.48
N GLY A 150 19.69 -12.49 -13.31
CA GLY A 150 20.72 -11.46 -13.30
C GLY A 150 21.12 -10.93 -14.67
N ASP A 151 20.69 -11.62 -15.72
CA ASP A 151 21.01 -11.23 -17.09
C ASP A 151 20.09 -10.07 -17.52
N PRO A 152 20.66 -8.91 -17.89
CA PRO A 152 19.78 -7.81 -18.30
C PRO A 152 19.18 -7.92 -19.70
N ARG A 153 19.70 -8.83 -20.53
CA ARG A 153 19.23 -8.94 -21.91
C ARG A 153 17.74 -9.29 -21.95
N ASP A 154 17.01 -8.60 -22.82
CA ASP A 154 15.60 -8.97 -23.09
C ASP A 154 14.75 -8.87 -21.83
N THR A 155 14.96 -7.80 -21.07
CA THR A 155 14.24 -7.58 -19.84
C THR A 155 13.53 -6.25 -19.82
N THR A 156 12.59 -6.11 -18.89
CA THR A 156 12.04 -4.83 -18.50
C THR A 156 11.60 -4.91 -17.04
N THR A 157 11.00 -3.82 -16.53
CA THR A 157 10.43 -3.85 -15.18
C THR A 157 8.90 -3.85 -15.30
N PRO A 158 8.21 -4.40 -14.28
CA PRO A 158 6.74 -4.32 -14.30
C PRO A 158 6.21 -2.89 -14.46
N ARG A 159 6.79 -1.93 -13.74
CA ARG A 159 6.34 -0.54 -13.82
C ARG A 159 6.42 -0.02 -15.26
N ALA A 160 7.57 -0.24 -15.91
CA ALA A 160 7.77 0.27 -17.25
C ALA A 160 6.83 -0.37 -18.27
N MET A 161 6.66 -1.68 -18.17
CA MET A 161 5.80 -2.36 -19.14
CA MET A 161 5.79 -2.37 -19.13
C MET A 161 4.32 -1.97 -18.96
N ALA A 162 3.87 -1.75 -17.73
CA ALA A 162 2.49 -1.34 -17.51
C ALA A 162 2.25 0.04 -18.11
N GLN A 163 3.17 0.96 -17.88
CA GLN A 163 3.06 2.30 -18.43
C GLN A 163 3.03 2.25 -19.96
N THR A 164 3.94 1.50 -20.55
CA THR A 164 3.98 1.36 -22.01
C THR A 164 2.72 0.73 -22.56
N LEU A 165 2.25 -0.34 -21.94
CA LEU A 165 1.04 -0.99 -22.42
C LEU A 165 -0.16 -0.04 -22.34
N ARG A 166 -0.22 0.77 -21.29
CA ARG A 166 -1.27 1.77 -21.18
C ARG A 166 -1.20 2.77 -22.33
N GLN A 167 0.00 3.29 -22.60
CA GLN A 167 0.16 4.27 -23.66
C GLN A 167 -0.18 3.72 -25.03
N LEU A 168 0.16 2.45 -25.26
CA LEU A 168 -0.13 1.80 -26.53
C LEU A 168 -1.59 1.48 -26.76
N THR A 169 -2.29 1.04 -25.71
CA THR A 169 -3.64 0.50 -25.88
C THR A 169 -4.74 1.49 -25.51
N LEU A 170 -4.43 2.43 -24.64
CA LEU A 170 -5.43 3.36 -24.12
C LEU A 170 -5.03 4.81 -24.37
N GLY A 171 -3.74 5.06 -24.52
CA GLY A 171 -3.20 6.40 -24.77
C GLY A 171 -2.93 6.67 -26.23
N HIS A 172 -1.99 7.57 -26.50
CA HIS A 172 -1.75 8.09 -27.85
C HIS A 172 -0.37 7.77 -28.41
N ALA A 173 0.24 6.69 -27.95
CA ALA A 173 1.52 6.26 -28.50
C ALA A 173 1.38 5.87 -29.97
N LEU A 174 0.21 5.35 -30.34
CA LEU A 174 -0.12 5.01 -31.72
C LEU A 174 -1.27 5.88 -32.21
N GLY A 175 -1.41 5.99 -33.53
CA GLY A 175 -2.61 6.60 -34.13
C GLY A 175 -3.86 5.82 -33.73
N GLU A 176 -5.02 6.45 -33.85
CA GLU A 176 -6.28 5.83 -33.41
CA GLU A 176 -6.26 5.82 -33.40
C GLU A 176 -6.57 4.49 -34.08
N THR A 177 -6.40 4.42 -35.41
CA THR A 177 -6.63 3.20 -36.16
C THR A 177 -5.70 2.07 -35.69
N GLN A 178 -4.45 2.43 -35.46
CA GLN A 178 -3.42 1.47 -35.04
C GLN A 178 -3.66 0.99 -33.61
N ARG A 179 -4.02 1.91 -32.72
CA ARG A 179 -4.37 1.54 -31.35
CA ARG A 179 -4.37 1.55 -31.35
C ARG A 179 -5.53 0.55 -31.34
N ALA A 180 -6.57 0.84 -32.13
CA ALA A 180 -7.72 -0.05 -32.22
C ALA A 180 -7.34 -1.44 -32.74
N GLN A 181 -6.44 -1.47 -33.73
CA GLN A 181 -5.95 -2.74 -34.27
C GLN A 181 -5.18 -3.54 -33.22
N LEU A 182 -4.32 -2.87 -32.46
CA LEU A 182 -3.57 -3.54 -31.39
C LEU A 182 -4.51 -4.15 -30.36
N VAL A 183 -5.51 -3.38 -29.97
CA VAL A 183 -6.50 -3.86 -28.99
C VAL A 183 -7.28 -5.05 -29.54
N THR A 184 -7.70 -4.96 -30.80
CA THR A 184 -8.39 -6.07 -31.45
C THR A 184 -7.54 -7.33 -31.41
N TRP A 185 -6.26 -7.22 -31.74
CA TRP A 185 -5.38 -8.37 -31.74
C TRP A 185 -5.26 -8.95 -30.34
N LEU A 186 -5.00 -8.10 -29.35
CA LEU A 186 -4.86 -8.56 -27.97
C LEU A 186 -6.12 -9.26 -27.45
N LYS A 187 -7.28 -8.69 -27.77
CA LYS A 187 -8.55 -9.26 -27.33
C LYS A 187 -8.84 -10.61 -27.96
N GLY A 188 -8.20 -10.89 -29.11
CA GLY A 188 -8.33 -12.19 -29.78
C GLY A 188 -7.24 -13.20 -29.42
N ASN A 189 -6.41 -12.89 -28.41
CA ASN A 189 -5.40 -13.84 -27.97
C ASN A 189 -5.99 -15.22 -27.66
N THR A 190 -5.28 -16.28 -28.06
CA THR A 190 -5.74 -17.65 -27.78
C THR A 190 -5.10 -18.28 -26.55
N THR A 191 -4.06 -17.65 -26.01
CA THR A 191 -3.19 -18.35 -25.05
C THR A 191 -3.38 -17.94 -23.60
N GLY A 192 -4.36 -17.07 -23.32
CA GLY A 192 -4.38 -16.36 -22.04
C GLY A 192 -5.30 -16.85 -20.92
N ALA A 193 -6.13 -17.85 -21.18
CA ALA A 193 -7.21 -18.17 -20.24
C ALA A 193 -6.76 -18.70 -18.88
N ALA A 194 -5.52 -19.19 -18.79
CA ALA A 194 -5.00 -19.76 -17.55
C ALA A 194 -4.15 -18.77 -16.74
N SER A 195 -3.94 -17.58 -17.28
CA SER A 195 -3.01 -16.64 -16.68
C SER A 195 -3.77 -15.50 -15.97
N ILE A 196 -3.47 -14.23 -16.23
CA ILE A 196 -4.18 -13.14 -15.56
C ILE A 196 -5.71 -13.32 -15.59
N ARG A 197 -6.22 -13.65 -16.78
N ARG A 197 -6.23 -13.67 -16.76
N ARG A 197 -6.25 -13.64 -16.77
CA ARG A 197 -7.66 -13.76 -17.02
CA ARG A 197 -7.68 -13.69 -16.94
CA ARG A 197 -7.71 -13.72 -16.95
C ARG A 197 -8.35 -14.74 -16.07
C ARG A 197 -8.40 -14.84 -16.20
C ARG A 197 -8.34 -14.72 -15.99
N ALA A 198 -7.64 -15.80 -15.69
CA ALA A 198 -8.17 -16.83 -14.80
C ALA A 198 -8.45 -16.31 -13.40
N GLY A 199 -7.81 -15.20 -13.02
CA GLY A 199 -8.00 -14.59 -11.72
C GLY A 199 -9.06 -13.51 -11.67
N LEU A 200 -9.65 -13.19 -12.82
CA LEU A 200 -10.62 -12.10 -12.92
C LEU A 200 -12.06 -12.62 -12.90
N PRO A 201 -13.00 -11.79 -12.40
CA PRO A 201 -14.41 -12.16 -12.51
C PRO A 201 -14.78 -12.41 -13.97
N THR A 202 -15.64 -13.40 -14.20
CA THR A 202 -16.01 -13.81 -15.55
CA THR A 202 -16.05 -13.82 -15.54
C THR A 202 -16.65 -12.69 -16.37
N SER A 203 -17.37 -11.77 -15.69
CA SER A 203 -18.05 -10.68 -16.38
C SER A 203 -17.11 -9.66 -17.05
N TRP A 204 -15.85 -9.64 -16.61
CA TRP A 204 -14.87 -8.69 -17.12
C TRP A 204 -14.37 -9.13 -18.51
N THR A 205 -13.94 -8.18 -19.32
CA THR A 205 -13.29 -8.51 -20.60
C THR A 205 -11.84 -8.04 -20.58
N ALA A 206 -11.01 -8.62 -21.43
CA ALA A 206 -9.58 -8.30 -21.44
C ALA A 206 -8.92 -8.69 -22.75
N GLY A 207 -7.78 -8.06 -23.01
CA GLY A 207 -6.85 -8.56 -24.03
C GLY A 207 -5.53 -8.79 -23.32
N ASP A 208 -4.72 -9.74 -23.79
CA ASP A 208 -3.46 -10.02 -23.11
C ASP A 208 -2.44 -10.64 -24.04
N LYS A 209 -1.18 -10.62 -23.60
CA LYS A 209 -0.13 -11.39 -24.23
C LYS A 209 0.66 -12.11 -23.15
N THR A 210 0.72 -13.44 -23.27
CA THR A 210 1.47 -14.29 -22.35
C THR A 210 2.92 -14.41 -22.79
N GLY A 211 3.74 -14.93 -21.89
CA GLY A 211 5.09 -15.31 -22.25
C GLY A 211 5.59 -16.38 -21.32
N SER A 212 6.53 -17.20 -21.79
CA SER A 212 7.20 -18.14 -20.93
C SER A 212 8.57 -18.43 -21.48
N GLY A 213 9.43 -18.97 -20.64
CA GLY A 213 10.80 -19.25 -21.06
C GLY A 213 11.49 -20.13 -20.05
N ASP A 214 12.81 -20.20 -20.14
CA ASP A 214 13.59 -21.00 -19.19
C ASP A 214 13.46 -20.40 -17.79
N TYR A 215 14.00 -21.11 -16.80
CA TYR A 215 13.85 -20.74 -15.39
C TYR A 215 12.37 -20.65 -14.98
N GLY A 216 11.55 -21.46 -15.63
CA GLY A 216 10.12 -21.50 -15.33
C GLY A 216 9.46 -20.12 -15.42
N THR A 217 10.01 -19.30 -16.31
CA THR A 217 9.53 -17.93 -16.45
C THR A 217 8.12 -17.96 -17.03
N THR A 218 7.19 -17.29 -16.36
CA THR A 218 5.78 -17.33 -16.72
C THR A 218 5.23 -15.92 -16.56
N ASN A 219 4.83 -15.31 -17.67
CA ASN A 219 4.48 -13.89 -17.73
C ASN A 219 3.13 -13.66 -18.41
N ASP A 220 2.52 -12.52 -18.11
CA ASP A 220 1.32 -12.07 -18.82
C ASP A 220 1.21 -10.57 -18.66
N ILE A 221 0.80 -9.89 -19.73
CA ILE A 221 0.51 -8.45 -19.69
C ILE A 221 -0.88 -8.25 -20.29
N ALA A 222 -1.72 -7.47 -19.63
CA ALA A 222 -3.13 -7.40 -19.98
C ALA A 222 -3.70 -6.01 -19.88
N VAL A 223 -4.65 -5.72 -20.77
CA VAL A 223 -5.53 -4.57 -20.63
C VAL A 223 -6.91 -5.14 -20.32
N ILE A 224 -7.56 -4.59 -19.31
CA ILE A 224 -8.75 -5.20 -18.70
C ILE A 224 -9.86 -4.17 -18.61
N TRP A 225 -11.06 -4.57 -19.03
CA TRP A 225 -12.26 -3.74 -18.86
C TRP A 225 -13.17 -4.40 -17.83
N PRO A 226 -13.06 -3.96 -16.56
CA PRO A 226 -13.91 -4.55 -15.53
C PRO A 226 -15.35 -4.10 -15.72
N GLN A 227 -16.29 -4.93 -15.27
CA GLN A 227 -17.70 -4.57 -15.28
C GLN A 227 -17.89 -3.28 -14.49
N GLY A 228 -18.40 -2.25 -15.16
CA GLY A 228 -18.74 -0.97 -14.53
C GLY A 228 -17.58 -0.14 -14.01
N ARG A 229 -16.37 -0.41 -14.52
CA ARG A 229 -15.18 0.34 -14.13
CA ARG A 229 -15.16 0.32 -14.12
C ARG A 229 -14.35 0.77 -15.35
N ALA A 230 -13.59 1.85 -15.20
CA ALA A 230 -12.62 2.27 -16.21
C ALA A 230 -11.56 1.16 -16.35
N PRO A 231 -10.89 1.07 -17.52
CA PRO A 231 -9.95 -0.02 -17.75
C PRO A 231 -8.73 -0.04 -16.82
N LEU A 232 -8.18 -1.24 -16.67
CA LEU A 232 -6.96 -1.48 -15.90
C LEU A 232 -5.88 -1.97 -16.84
N VAL A 233 -4.64 -1.70 -16.48
CA VAL A 233 -3.50 -2.31 -17.14
C VAL A 233 -2.79 -3.11 -16.06
N LEU A 234 -2.53 -4.39 -16.33
CA LEU A 234 -1.90 -5.26 -15.35
C LEU A 234 -0.78 -6.10 -15.96
N VAL A 235 0.39 -6.03 -15.34
CA VAL A 235 1.55 -6.84 -15.73
C VAL A 235 1.88 -7.77 -14.57
N THR A 236 2.04 -9.05 -14.89
CA THR A 236 2.47 -10.05 -13.91
C THR A 236 3.63 -10.86 -14.47
N TYR A 237 4.79 -10.77 -13.83
CA TYR A 237 5.98 -11.47 -14.26
C TYR A 237 6.41 -12.43 -13.16
N PHE A 238 6.89 -13.61 -13.55
CA PHE A 238 7.28 -14.62 -12.56
C PHE A 238 8.44 -15.44 -13.08
N THR A 239 9.43 -15.68 -12.23
CA THR A 239 10.59 -16.45 -12.66
C THR A 239 11.15 -17.22 -11.46
N GLN A 240 11.83 -18.33 -11.75
CA GLN A 240 12.16 -19.31 -10.72
C GLN A 240 13.66 -19.61 -10.75
N PRO A 241 14.20 -20.16 -9.64
CA PRO A 241 15.66 -20.33 -9.54
C PRO A 241 16.31 -21.41 -10.41
N GLN A 242 15.57 -22.43 -10.81
CA GLN A 242 16.14 -23.55 -11.57
C GLN A 242 15.82 -23.46 -13.05
N GLN A 243 16.80 -23.74 -13.90
CA GLN A 243 16.65 -23.56 -15.35
C GLN A 243 15.48 -24.34 -15.92
N ASN A 244 15.27 -25.55 -15.39
CA ASN A 244 14.25 -26.44 -15.92
C ASN A 244 12.92 -26.39 -15.16
N ALA A 245 12.69 -25.33 -14.39
CA ALA A 245 11.46 -25.20 -13.63
C ALA A 245 10.22 -25.21 -14.54
N GLU A 246 9.12 -25.71 -14.00
CA GLU A 246 7.86 -25.79 -14.74
C GLU A 246 7.14 -24.45 -14.73
N SER A 247 6.34 -24.19 -15.76
CA SER A 247 5.51 -22.98 -15.81
C SER A 247 4.52 -22.93 -14.65
N ARG A 248 4.22 -21.71 -14.20
CA ARG A 248 3.27 -21.51 -13.09
C ARG A 248 2.24 -20.44 -13.44
N ARG A 249 1.40 -20.72 -14.43
CA ARG A 249 0.38 -19.76 -14.83
C ARG A 249 -0.60 -19.49 -13.69
N ASP A 250 -0.81 -20.50 -12.85
CA ASP A 250 -1.66 -20.34 -11.67
C ASP A 250 -1.20 -19.22 -10.71
N VAL A 251 0.11 -18.99 -10.64
CA VAL A 251 0.64 -17.91 -9.81
C VAL A 251 0.21 -16.55 -10.36
N LEU A 252 0.20 -16.42 -11.68
CA LEU A 252 -0.26 -15.17 -12.31
C LEU A 252 -1.74 -14.97 -12.08
N ALA A 253 -2.52 -16.05 -12.20
CA ALA A 253 -3.95 -16.01 -11.91
C ALA A 253 -4.19 -15.55 -10.46
N SER A 254 -3.40 -16.09 -9.54
CA SER A 254 -3.52 -15.72 -8.12
C SER A 254 -3.17 -14.25 -7.89
N ALA A 255 -2.13 -13.76 -8.56
CA ALA A 255 -1.75 -12.35 -8.44
C ALA A 255 -2.89 -11.46 -8.95
N ALA A 256 -3.48 -11.84 -10.08
CA ALA A 256 -4.58 -11.05 -10.66
C ALA A 256 -5.80 -11.06 -9.76
N ARG A 257 -6.08 -12.19 -9.13
CA ARG A 257 -7.20 -12.30 -8.20
C ARG A 257 -7.00 -11.37 -7.00
N ILE A 258 -5.79 -11.35 -6.44
CA ILE A 258 -5.45 -10.43 -5.36
C ILE A 258 -5.67 -8.97 -5.78
N ILE A 259 -5.22 -8.62 -6.98
CA ILE A 259 -5.38 -7.27 -7.51
C ILE A 259 -6.86 -6.92 -7.68
N ALA A 260 -7.63 -7.84 -8.25
CA ALA A 260 -9.06 -7.61 -8.50
C ALA A 260 -9.84 -7.43 -7.20
N GLU A 261 -9.55 -8.26 -6.21
CA GLU A 261 -10.24 -8.19 -4.91
CA GLU A 261 -10.22 -8.20 -4.90
C GLU A 261 -9.81 -6.97 -4.10
N GLY A 262 -8.68 -6.37 -4.47
CA GLY A 262 -8.16 -5.18 -3.79
C GLY A 262 -8.68 -3.86 -4.34
N LEU A 263 -9.51 -3.94 -5.39
CA LEU A 263 -10.13 -2.75 -5.98
C LEU A 263 -11.37 -2.33 -5.20
N SER B 3 -17.06 30.51 11.64
CA SER B 3 -16.58 30.20 13.02
C SER B 3 -15.23 30.85 13.34
N ALA B 4 -15.12 31.39 14.54
CA ALA B 4 -13.89 31.99 15.06
C ALA B 4 -12.83 30.92 15.33
N VAL B 5 -13.22 29.87 16.04
CA VAL B 5 -12.28 28.79 16.38
C VAL B 5 -11.68 28.17 15.12
N GLN B 6 -12.51 28.00 14.08
CA GLN B 6 -12.06 27.45 12.80
C GLN B 6 -10.97 28.30 12.17
N GLN B 7 -11.16 29.62 12.17
CA GLN B 7 -10.19 30.54 11.61
C GLN B 7 -8.87 30.47 12.36
N LYS B 8 -8.95 30.39 13.69
CA LYS B 8 -7.75 30.32 14.53
C LYS B 8 -6.96 29.02 14.32
N LEU B 9 -7.66 27.90 14.23
CA LEU B 9 -7.00 26.62 13.99
C LEU B 9 -6.38 26.54 12.59
N ALA B 10 -7.09 27.06 11.59
CA ALA B 10 -6.55 27.14 10.23
C ALA B 10 -5.30 28.00 10.17
N ALA B 11 -5.34 29.13 10.87
CA ALA B 11 -4.20 30.06 10.96
C ALA B 11 -2.99 29.39 11.61
N LEU B 12 -3.23 28.66 12.70
CA LEU B 12 -2.18 27.90 13.35
C LEU B 12 -1.59 26.85 12.42
N GLU B 13 -2.46 26.12 11.74
CA GLU B 13 -2.00 25.11 10.80
C GLU B 13 -1.13 25.73 9.70
N LYS B 14 -1.59 26.85 9.13
CA LYS B 14 -0.84 27.52 8.08
CA LYS B 14 -0.85 27.55 8.07
C LYS B 14 0.56 27.88 8.55
N SER B 15 0.67 28.46 9.74
N SER B 15 0.67 28.48 9.73
CA SER B 15 1.95 28.85 10.32
CA SER B 15 1.96 28.84 10.30
C SER B 15 2.86 27.67 10.65
C SER B 15 2.85 27.62 10.49
N SER B 16 2.25 26.53 10.97
CA SER B 16 2.98 25.31 11.33
C SER B 16 3.67 24.60 10.16
N GLY B 17 3.14 24.81 8.94
CA GLY B 17 3.65 24.14 7.76
C GLY B 17 3.22 22.68 7.62
N GLY B 18 2.47 22.17 8.59
CA GLY B 18 2.06 20.77 8.59
C GLY B 18 0.57 20.55 8.46
N ARG B 19 0.12 19.38 8.90
CA ARG B 19 -1.28 18.97 8.86
C ARG B 19 -1.74 18.70 10.29
N LEU B 20 -2.75 19.46 10.71
CA LEU B 20 -3.25 19.46 12.08
C LEU B 20 -4.64 18.83 12.15
N GLY B 21 -4.84 17.93 13.11
CA GLY B 21 -6.14 17.33 13.37
C GLY B 21 -6.57 17.57 14.80
N VAL B 22 -7.79 18.09 14.98
CA VAL B 22 -8.29 18.40 16.31
C VAL B 22 -9.70 17.85 16.45
N ALA B 23 -9.97 17.20 17.59
CA ALA B 23 -11.34 16.89 17.97
C ALA B 23 -11.53 17.15 19.46
N LEU B 24 -12.47 18.03 19.76
CA LEU B 24 -12.89 18.31 21.12
C LEU B 24 -14.30 17.78 21.35
N ILE B 25 -14.51 17.14 22.49
CA ILE B 25 -15.87 16.93 23.00
C ILE B 25 -15.99 17.66 24.33
N ASP B 26 -16.96 18.56 24.42
CA ASP B 26 -17.26 19.24 25.68
C ASP B 26 -18.41 18.49 26.31
N THR B 27 -18.17 17.78 27.41
CA THR B 27 -19.22 16.96 28.02
C THR B 27 -20.25 17.77 28.81
N ALA B 28 -20.01 19.07 28.96
CA ALA B 28 -21.02 19.95 29.57
C ALA B 28 -22.31 19.95 28.75
N ASP B 29 -22.17 19.88 27.43
CA ASP B 29 -23.31 20.02 26.52
C ASP B 29 -23.21 19.16 25.25
N ASN B 30 -22.21 18.28 25.21
CA ASN B 30 -21.97 17.39 24.05
C ASN B 30 -21.58 18.10 22.75
N THR B 31 -21.16 19.35 22.84
CA THR B 31 -20.70 20.08 21.66
C THR B 31 -19.30 19.65 21.27
N GLN B 32 -18.94 19.93 20.01
CA GLN B 32 -17.67 19.50 19.45
C GLN B 32 -17.01 20.61 18.68
N VAL B 33 -15.68 20.55 18.64
CA VAL B 33 -14.89 21.35 17.71
C VAL B 33 -14.05 20.35 16.93
N LEU B 34 -14.14 20.42 15.60
CA LEU B 34 -13.47 19.47 14.74
C LEU B 34 -12.67 20.21 13.67
N TYR B 35 -11.43 19.79 13.47
CA TYR B 35 -10.59 20.34 12.43
C TYR B 35 -9.87 19.16 11.81
N ARG B 36 -10.14 18.88 10.53
CA ARG B 36 -9.69 17.63 9.89
C ARG B 36 -10.07 16.43 10.75
N GLY B 37 -11.25 16.52 11.36
CA GLY B 37 -11.72 15.53 12.32
C GLY B 37 -11.90 14.12 11.76
N ASP B 38 -12.09 14.02 10.45
CA ASP B 38 -12.30 12.72 9.80
C ASP B 38 -11.15 12.24 8.93
N GLU B 39 -10.02 12.96 8.98
CA GLU B 39 -8.82 12.51 8.30
C GLU B 39 -8.04 11.55 9.19
N ARG B 40 -7.41 10.56 8.57
CA ARG B 40 -6.55 9.65 9.31
C ARG B 40 -5.20 10.29 9.61
N PHE B 41 -4.71 10.01 10.81
CA PHE B 41 -3.38 10.44 11.26
C PHE B 41 -2.68 9.24 11.90
N PRO B 42 -1.35 9.18 11.79
CA PRO B 42 -0.63 8.13 12.50
C PRO B 42 -0.72 8.39 14.01
N MET B 43 -1.14 7.38 14.76
CA MET B 43 -1.35 7.53 16.20
C MET B 43 -0.06 7.61 16.99
N CYS B 44 0.97 6.90 16.53
CA CYS B 44 2.21 6.72 17.27
C CYS B 44 1.90 6.27 18.70
N SER B 45 2.62 6.79 19.69
CA SER B 45 2.44 6.31 21.08
C SER B 45 1.07 6.54 21.70
N THR B 46 0.21 7.33 21.07
CA THR B 46 -1.13 7.49 21.63
C THR B 46 -1.91 6.18 21.61
N SER B 47 -1.49 5.24 20.75
CA SER B 47 -2.11 3.93 20.70
C SER B 47 -1.90 3.09 21.97
N LYS B 48 -0.95 3.50 22.82
CA LYS B 48 -0.71 2.82 24.09
CA LYS B 48 -0.72 2.82 24.10
C LYS B 48 -1.96 2.88 24.99
N VAL B 49 -2.76 3.92 24.85
CA VAL B 49 -4.02 4.04 25.59
C VAL B 49 -4.96 2.88 25.25
N MET B 50 -5.12 2.57 23.97
CA MET B 50 -6.01 1.49 23.56
CA MET B 50 -5.98 1.48 23.55
C MET B 50 -5.49 0.13 24.03
N ALA B 51 -4.17 -0.07 23.97
CA ALA B 51 -3.58 -1.35 24.41
C ALA B 51 -3.76 -1.55 25.93
N ALA B 52 -3.48 -0.51 26.71
CA ALA B 52 -3.66 -0.59 28.14
C ALA B 52 -5.12 -0.80 28.51
N ALA B 53 -6.02 -0.08 27.83
CA ALA B 53 -7.45 -0.25 28.06
C ALA B 53 -7.94 -1.65 27.74
N ALA B 54 -7.39 -2.24 26.68
CA ALA B 54 -7.76 -3.59 26.28
C ALA B 54 -7.35 -4.62 27.33
N VAL B 55 -6.17 -4.43 27.93
CA VAL B 55 -5.73 -5.30 29.03
C VAL B 55 -6.59 -5.07 30.28
N LEU B 56 -6.94 -3.82 30.57
CA LEU B 56 -7.88 -3.55 31.65
C LEU B 56 -9.20 -4.29 31.45
N LYS B 57 -9.73 -4.25 30.22
CA LYS B 57 -10.98 -4.95 29.94
C LYS B 57 -10.81 -6.45 30.19
N GLN B 58 -9.69 -7.02 29.75
CA GLN B 58 -9.45 -8.44 30.03
C GLN B 58 -9.45 -8.75 31.53
N SER B 59 -8.88 -7.83 32.32
CA SER B 59 -8.78 -8.02 33.77
C SER B 59 -10.15 -7.97 34.47
N GLU B 60 -11.20 -7.54 33.76
CA GLU B 60 -12.54 -7.56 34.34
C GLU B 60 -13.05 -8.98 34.56
N THR B 61 -12.55 -9.92 33.75
CA THR B 61 -12.96 -11.31 33.87
C THR B 61 -11.82 -12.26 34.25
N GLN B 62 -10.58 -11.88 33.91
CA GLN B 62 -9.40 -12.57 34.42
C GLN B 62 -8.90 -11.72 35.60
N LYS B 63 -9.45 -12.01 36.78
CA LYS B 63 -9.41 -11.07 37.90
C LYS B 63 -8.03 -10.75 38.47
N GLN B 64 -7.08 -11.67 38.29
CA GLN B 64 -5.71 -11.44 38.76
C GLN B 64 -4.75 -11.12 37.62
N LEU B 65 -5.27 -10.82 36.43
CA LEU B 65 -4.41 -10.64 35.25
C LEU B 65 -3.35 -9.54 35.44
N LEU B 66 -3.72 -8.45 36.09
CA LEU B 66 -2.80 -7.33 36.25
C LEU B 66 -1.60 -7.69 37.12
N ASN B 67 -1.74 -8.73 37.94
CA ASN B 67 -0.66 -9.19 38.83
C ASN B 67 0.27 -10.20 38.15
N GLN B 68 -0.06 -10.61 36.93
CA GLN B 68 0.69 -11.66 36.23
C GLN B 68 2.10 -11.19 35.85
N PRO B 69 3.14 -11.93 36.31
CA PRO B 69 4.49 -11.57 35.87
C PRO B 69 4.73 -11.90 34.41
N VAL B 70 5.49 -11.02 33.74
CA VAL B 70 5.86 -11.20 32.35
C VAL B 70 7.37 -11.07 32.28
N GLU B 71 8.03 -12.05 31.67
CA GLU B 71 9.49 -12.03 31.54
C GLU B 71 9.95 -10.95 30.57
N ILE B 72 10.97 -10.20 30.99
CA ILE B 72 11.63 -9.21 30.13
C ILE B 72 13.01 -9.76 29.80
N LYS B 73 13.24 -10.06 28.52
CA LYS B 73 14.51 -10.61 28.04
C LYS B 73 15.32 -9.52 27.35
N PRO B 74 16.66 -9.65 27.35
CA PRO B 74 17.49 -8.67 26.61
C PRO B 74 17.02 -8.47 25.16
N ALA B 75 16.60 -9.55 24.50
CA ALA B 75 16.13 -9.51 23.11
C ALA B 75 14.83 -8.71 22.92
N ASP B 76 14.07 -8.54 24.00
CA ASP B 76 12.80 -7.81 23.98
C ASP B 76 12.98 -6.30 23.88
N LEU B 77 14.13 -5.80 24.32
CA LEU B 77 14.33 -4.35 24.35
C LEU B 77 14.32 -3.77 22.95
N VAL B 78 13.57 -2.69 22.77
CA VAL B 78 13.53 -2.02 21.49
C VAL B 78 14.23 -0.67 21.60
N ASN B 79 13.64 0.40 21.07
CA ASN B 79 14.36 1.66 20.92
C ASN B 79 14.17 2.67 22.04
N TYR B 80 13.25 2.40 22.96
CA TYR B 80 13.00 3.32 24.07
C TYR B 80 12.37 2.56 25.22
N ASN B 81 13.20 2.27 26.22
CA ASN B 81 12.84 1.33 27.29
C ASN B 81 13.21 1.86 28.68
N PRO B 82 12.74 3.08 29.03
CA PRO B 82 13.20 3.72 30.27
C PRO B 82 12.88 2.93 31.52
N ILE B 83 11.79 2.17 31.51
CA ILE B 83 11.42 1.33 32.65
C ILE B 83 11.86 -0.12 32.46
N ALA B 84 11.55 -0.69 31.29
CA ALA B 84 11.84 -2.11 31.07
C ALA B 84 13.32 -2.48 31.18
N GLU B 85 14.21 -1.56 30.83
CA GLU B 85 15.65 -1.86 30.91
C GLU B 85 16.11 -2.16 32.35
N LYS B 86 15.40 -1.63 33.34
CA LYS B 86 15.69 -1.91 34.75
C LYS B 86 15.39 -3.36 35.12
N HIS B 87 14.49 -4.00 34.36
CA HIS B 87 13.95 -5.31 34.74
C HIS B 87 14.32 -6.42 33.78
N VAL B 88 15.28 -6.15 32.89
CA VAL B 88 15.78 -7.18 31.97
C VAL B 88 16.32 -8.35 32.76
N ASN B 89 16.05 -9.55 32.25
CA ASN B 89 16.37 -10.81 32.93
C ASN B 89 15.58 -11.02 34.22
N GLY B 90 14.52 -10.23 34.35
CA GLY B 90 13.56 -10.38 35.43
C GLY B 90 12.14 -10.30 34.88
N THR B 91 11.21 -9.88 35.72
CA THR B 91 9.82 -9.79 35.31
C THR B 91 9.20 -8.46 35.68
N MET B 92 8.12 -8.11 34.99
CA MET B 92 7.24 -7.01 35.37
C MET B 92 5.82 -7.53 35.29
N THR B 93 4.93 -7.00 36.13
CA THR B 93 3.53 -7.39 36.04
C THR B 93 2.85 -6.62 34.92
N LEU B 94 1.69 -7.11 34.49
CA LEU B 94 0.92 -6.40 33.48
C LEU B 94 0.48 -5.01 33.94
N ALA B 95 0.18 -4.83 35.22
CA ALA B 95 -0.06 -3.50 35.75
C ALA B 95 1.18 -2.59 35.60
N GLU B 96 2.34 -3.13 35.94
CA GLU B 96 3.57 -2.35 35.86
C GLU B 96 3.92 -2.00 34.42
N LEU B 97 3.65 -2.93 33.50
CA LEU B 97 3.84 -2.71 32.07
C LEU B 97 2.87 -1.65 31.54
N SER B 98 1.63 -1.70 32.00
CA SER B 98 0.62 -0.71 31.61
C SER B 98 1.03 0.68 32.07
N ALA B 99 1.45 0.78 33.33
CA ALA B 99 1.91 2.05 33.87
C ALA B 99 3.15 2.59 33.13
N ALA B 100 4.10 1.70 32.83
CA ALA B 100 5.31 2.10 32.10
C ALA B 100 4.98 2.61 30.69
N ALA B 101 4.10 1.88 29.99
CA ALA B 101 3.67 2.26 28.65
C ALA B 101 2.98 3.63 28.67
N LEU B 102 2.03 3.80 29.58
CA LEU B 102 1.25 5.03 29.62
C LEU B 102 2.02 6.24 30.15
N GLN B 103 2.74 6.06 31.25
CA GLN B 103 3.30 7.21 31.95
C GLN B 103 4.71 7.58 31.51
N TYR B 104 5.41 6.64 30.87
CA TYR B 104 6.78 6.88 30.40
C TYR B 104 6.92 6.62 28.90
N SER B 105 5.87 6.11 28.26
CA SER B 105 5.90 5.77 26.83
C SER B 105 6.93 4.68 26.51
N ASP B 106 7.11 3.74 27.45
CA ASP B 106 8.03 2.63 27.28
C ASP B 106 7.54 1.69 26.17
N ASN B 107 8.39 1.53 25.14
CA ASN B 107 8.05 0.75 23.96
C ASN B 107 8.13 -0.76 24.16
N THR B 108 9.05 -1.21 25.00
CA THR B 108 9.09 -2.62 25.37
C THR B 108 7.80 -2.97 26.13
N ALA B 109 7.38 -2.10 27.03
CA ALA B 109 6.14 -2.32 27.77
C ALA B 109 4.95 -2.40 26.82
N MET B 110 4.86 -1.49 25.86
CA MET B 110 3.80 -1.55 24.87
C MET B 110 3.79 -2.89 24.13
N ASN B 111 4.97 -3.36 23.71
CA ASN B 111 5.03 -4.63 23.01
C ASN B 111 4.54 -5.81 23.85
N LYS B 112 4.77 -5.76 25.16
CA LYS B 112 4.21 -6.80 26.05
C LYS B 112 2.70 -6.72 26.15
N LEU B 113 2.14 -5.51 26.15
CA LEU B 113 0.68 -5.37 26.14
C LEU B 113 0.10 -5.93 24.86
N ILE B 114 0.72 -5.58 23.73
CA ILE B 114 0.29 -6.11 22.44
C ILE B 114 0.34 -7.64 22.41
N ALA B 115 1.44 -8.21 22.91
CA ALA B 115 1.58 -9.67 22.95
C ALA B 115 0.51 -10.32 23.83
N GLN B 116 0.20 -9.71 24.96
CA GLN B 116 -0.87 -10.21 25.84
C GLN B 116 -2.19 -10.31 25.11
N LEU B 117 -2.42 -9.36 24.20
CA LEU B 117 -3.68 -9.29 23.44
C LEU B 117 -3.66 -10.13 22.17
N GLY B 118 -2.56 -10.85 21.94
CA GLY B 118 -2.44 -11.73 20.79
C GLY B 118 -1.91 -11.09 19.52
N GLY B 119 -1.37 -9.88 19.64
CA GLY B 119 -0.85 -9.17 18.48
C GLY B 119 -1.62 -7.89 18.27
N PRO B 120 -1.15 -7.05 17.33
CA PRO B 120 -1.81 -5.77 17.06
C PRO B 120 -3.31 -5.91 16.78
N GLY B 121 -3.71 -6.99 16.11
CA GLY B 121 -5.11 -7.25 15.81
C GLY B 121 -5.99 -7.39 17.05
N GLY B 122 -5.39 -7.82 18.17
CA GLY B 122 -6.10 -7.92 19.43
C GLY B 122 -6.48 -6.56 20.00
N VAL B 123 -5.63 -5.56 19.74
CA VAL B 123 -5.95 -4.19 20.13
C VAL B 123 -7.08 -3.66 19.24
N THR B 124 -7.00 -3.91 17.94
CA THR B 124 -8.06 -3.52 17.02
C THR B 124 -9.39 -4.19 17.40
N ALA B 125 -9.34 -5.45 17.79
CA ALA B 125 -10.55 -6.17 18.19
C ALA B 125 -11.22 -5.53 19.40
N PHE B 126 -10.42 -5.06 20.36
CA PHE B 126 -10.97 -4.35 21.51
C PHE B 126 -11.66 -3.06 21.07
N ALA B 127 -11.01 -2.30 20.17
CA ALA B 127 -11.61 -1.09 19.62
C ALA B 127 -12.99 -1.39 19.03
N ARG B 128 -13.06 -2.44 18.22
CA ARG B 128 -14.34 -2.85 17.64
C ARG B 128 -15.37 -3.22 18.70
N ALA B 129 -14.93 -3.89 19.77
CA ALA B 129 -15.82 -4.31 20.84
C ALA B 129 -16.44 -3.14 21.60
N ILE B 130 -15.77 -2.00 21.60
CA ILE B 130 -16.31 -0.81 22.26
C ILE B 130 -16.93 0.20 21.29
N GLY B 131 -17.12 -0.21 20.04
CA GLY B 131 -17.83 0.59 19.05
C GLY B 131 -16.99 1.52 18.20
N ASP B 132 -15.67 1.37 18.27
CA ASP B 132 -14.77 2.18 17.44
C ASP B 132 -14.44 1.38 16.19
N GLU B 133 -15.00 1.82 15.07
CA GLU B 133 -14.88 1.15 13.78
CA GLU B 133 -14.85 1.13 13.78
C GLU B 133 -13.75 1.74 12.92
N THR B 134 -13.03 2.71 13.47
CA THR B 134 -12.05 3.49 12.72
C THR B 134 -10.61 3.14 13.09
N PHE B 135 -10.34 3.06 14.40
CA PHE B 135 -9.03 2.68 14.92
C PHE B 135 -8.47 1.41 14.28
N ARG B 136 -7.19 1.42 13.93
CA ARG B 136 -6.53 0.17 13.58
C ARG B 136 -5.09 0.17 14.07
N LEU B 137 -4.69 -0.92 14.72
CA LEU B 137 -3.29 -1.15 15.04
C LEU B 137 -2.82 -2.33 14.19
N ASP B 138 -1.71 -2.13 13.51
CA ASP B 138 -1.20 -3.08 12.52
C ASP B 138 0.18 -3.61 12.86
N ARG B 139 0.98 -2.79 13.55
CA ARG B 139 2.37 -3.13 13.83
C ARG B 139 2.70 -2.95 15.31
N THR B 140 3.84 -3.51 15.71
CA THR B 140 4.37 -3.32 17.05
C THR B 140 5.30 -2.10 17.07
N GLU B 141 5.82 -1.78 18.25
CA GLU B 141 6.90 -0.80 18.38
C GLU B 141 8.21 -1.43 17.90
N PRO B 142 9.05 -0.67 17.19
CA PRO B 142 8.90 0.74 16.83
C PRO B 142 8.30 1.04 15.44
N THR B 143 7.99 0.01 14.65
CA THR B 143 7.58 0.27 13.27
C THR B 143 6.21 0.92 13.12
N LEU B 144 5.39 0.90 14.17
CA LEU B 144 4.10 1.58 14.10
C LEU B 144 4.24 3.10 13.97
N ASN B 145 5.47 3.61 14.09
CA ASN B 145 5.74 5.05 14.06
C ASN B 145 6.24 5.60 12.73
N THR B 146 6.21 4.80 11.67
CA THR B 146 6.75 5.25 10.38
C THR B 146 6.00 6.46 9.80
N ALA B 147 4.70 6.55 10.08
CA ALA B 147 3.91 7.76 9.78
C ALA B 147 3.98 8.21 8.32
N ILE B 148 4.02 7.23 7.42
CA ILE B 148 4.13 7.52 5.99
C ILE B 148 2.83 8.12 5.47
N PRO B 149 2.91 9.26 4.76
CA PRO B 149 1.69 9.89 4.26
C PRO B 149 0.91 8.93 3.36
N GLY B 150 -0.39 8.81 3.61
CA GLY B 150 -1.26 7.94 2.81
C GLY B 150 -1.36 6.50 3.29
N ASP B 151 -0.50 6.12 4.24
CA ASP B 151 -0.48 4.76 4.78
C ASP B 151 -1.55 4.66 5.88
N PRO B 152 -2.56 3.80 5.70
CA PRO B 152 -3.60 3.69 6.71
C PRO B 152 -3.20 2.89 7.96
N ARG B 153 -2.06 2.20 7.92
CA ARG B 153 -1.65 1.39 9.06
C ARG B 153 -1.44 2.25 10.31
N ASP B 154 -1.93 1.75 11.44
CA ASP B 154 -1.67 2.39 12.75
C ASP B 154 -2.19 3.83 12.78
N THR B 155 -3.37 4.03 12.21
CA THR B 155 -4.02 5.32 12.18
C THR B 155 -5.41 5.29 12.83
N THR B 156 -5.89 6.48 13.15
CA THR B 156 -7.29 6.71 13.44
C THR B 156 -7.63 8.14 13.05
N THR B 157 -8.87 8.56 13.24
CA THR B 157 -9.27 9.96 13.02
C THR B 157 -9.40 10.66 14.36
N PRO B 158 -9.19 11.98 14.39
CA PRO B 158 -9.44 12.70 15.64
C PRO B 158 -10.85 12.50 16.21
N ARG B 159 -11.86 12.51 15.36
CA ARG B 159 -13.24 12.33 15.81
C ARG B 159 -13.39 10.97 16.51
N ALA B 160 -12.89 9.91 15.88
CA ALA B 160 -13.05 8.57 16.45
C ALA B 160 -12.30 8.42 17.76
N MET B 161 -11.09 8.97 17.83
CA MET B 161 -10.28 8.83 19.03
CA MET B 161 -10.29 8.83 19.03
C MET B 161 -10.86 9.62 20.19
N ALA B 162 -11.40 10.81 19.92
CA ALA B 162 -12.01 11.59 20.98
C ALA B 162 -13.22 10.86 21.57
N GLN B 163 -14.06 10.30 20.70
CA GLN B 163 -15.22 9.56 21.14
C GLN B 163 -14.80 8.34 21.97
N THR B 164 -13.80 7.60 21.48
CA THR B 164 -13.31 6.44 22.22
C THR B 164 -12.71 6.84 23.57
N LEU B 165 -11.88 7.88 23.58
CA LEU B 165 -11.30 8.32 24.83
C LEU B 165 -12.38 8.73 25.84
N ARG B 166 -13.44 9.38 25.37
CA ARG B 166 -14.57 9.70 26.24
C ARG B 166 -15.18 8.44 26.85
N GLN B 167 -15.46 7.46 26.00
CA GLN B 167 -16.06 6.21 26.47
CA GLN B 167 -16.06 6.20 26.46
C GLN B 167 -15.18 5.51 27.49
N LEU B 168 -13.87 5.55 27.26
CA LEU B 168 -12.90 4.88 28.14
C LEU B 168 -12.74 5.54 29.49
N THR B 169 -12.72 6.86 29.51
CA THR B 169 -12.35 7.61 30.72
C THR B 169 -13.52 8.20 31.48
N LEU B 170 -14.64 8.41 30.79
CA LEU B 170 -15.81 9.08 31.38
C LEU B 170 -17.08 8.27 31.22
N GLY B 171 -17.08 7.33 30.28
CA GLY B 171 -18.24 6.49 30.00
C GLY B 171 -18.07 5.08 30.53
N HIS B 172 -18.60 4.11 29.79
CA HIS B 172 -18.77 2.75 30.31
C HIS B 172 -18.20 1.68 29.40
N ALA B 173 -17.17 2.04 28.64
CA ALA B 173 -16.44 1.05 27.87
C ALA B 173 -15.73 0.06 28.82
N LEU B 174 -15.32 0.57 29.98
CA LEU B 174 -14.68 -0.24 31.01
C LEU B 174 -15.54 -0.27 32.27
N GLY B 175 -15.31 -1.28 33.11
CA GLY B 175 -15.92 -1.35 34.43
C GLY B 175 -15.40 -0.22 35.30
N GLU B 176 -16.14 0.14 36.35
CA GLU B 176 -15.82 1.30 37.17
C GLU B 176 -14.38 1.33 37.69
N THR B 177 -13.92 0.21 38.26
CA THR B 177 -12.57 0.13 38.82
C THR B 177 -11.51 0.35 37.73
N GLN B 178 -11.79 -0.20 36.55
CA GLN B 178 -10.85 -0.15 35.44
C GLN B 178 -10.82 1.22 34.81
N ARG B 179 -11.98 1.86 34.68
CA ARG B 179 -12.04 3.25 34.22
CA ARG B 179 -12.05 3.24 34.22
C ARG B 179 -11.22 4.13 35.15
N ALA B 180 -11.43 3.96 36.46
CA ALA B 180 -10.70 4.75 37.44
C ALA B 180 -9.19 4.52 37.36
N GLN B 181 -8.81 3.26 37.16
CA GLN B 181 -7.39 2.92 37.00
C GLN B 181 -6.77 3.59 35.77
N LEU B 182 -7.49 3.59 34.66
CA LEU B 182 -7.00 4.25 33.45
C LEU B 182 -6.82 5.74 33.68
N VAL B 183 -7.81 6.37 34.30
CA VAL B 183 -7.73 7.79 34.61
C VAL B 183 -6.55 8.09 35.53
N THR B 184 -6.38 7.27 36.57
CA THR B 184 -5.24 7.45 37.48
C THR B 184 -3.92 7.39 36.71
N TRP B 185 -3.79 6.44 35.80
CA TRP B 185 -2.57 6.31 35.01
C TRP B 185 -2.35 7.54 34.14
N LEU B 186 -3.38 7.97 33.43
CA LEU B 186 -3.27 9.13 32.55
C LEU B 186 -2.90 10.39 33.32
N LYS B 187 -3.50 10.57 34.51
CA LYS B 187 -3.24 11.74 35.33
C LYS B 187 -1.81 11.76 35.88
N GLY B 188 -1.19 10.58 35.95
CA GLY B 188 0.21 10.46 36.38
C GLY B 188 1.23 10.45 35.26
N ASN B 189 0.79 10.75 34.04
CA ASN B 189 1.72 10.83 32.92
C ASN B 189 2.88 11.77 33.22
N THR B 190 4.09 11.39 32.79
CA THR B 190 5.26 12.23 32.98
C THR B 190 5.63 13.05 31.75
N THR B 191 5.03 12.74 30.60
CA THR B 191 5.54 13.27 29.33
C THR B 191 4.75 14.42 28.74
N GLY B 192 3.72 14.91 29.44
CA GLY B 192 2.71 15.76 28.80
C GLY B 192 2.77 17.27 28.97
N ALA B 193 3.70 17.77 29.78
CA ALA B 193 3.63 19.19 30.16
C ALA B 193 3.88 20.20 29.04
N ALA B 194 4.47 19.77 27.93
CA ALA B 194 4.74 20.67 26.80
C ALA B 194 3.68 20.60 25.70
N SER B 195 2.70 19.72 25.84
CA SER B 195 1.76 19.44 24.75
C SER B 195 0.41 20.09 25.07
N ILE B 196 -0.71 19.36 24.99
CA ILE B 196 -2.03 19.96 25.27
C ILE B 196 -2.02 20.77 26.56
N ARG B 197 -1.44 20.18 27.61
CA ARG B 197 -1.56 20.80 28.92
C ARG B 197 -0.81 22.13 29.03
N ALA B 198 0.19 22.35 28.19
CA ALA B 198 0.88 23.65 28.14
C ALA B 198 -0.05 24.78 27.68
N GLY B 199 -1.13 24.42 26.98
CA GLY B 199 -2.08 25.42 26.52
C GLY B 199 -3.27 25.67 27.44
N LEU B 200 -3.33 24.99 28.58
CA LEU B 200 -4.45 25.11 29.50
C LEU B 200 -4.13 25.99 30.71
N PRO B 201 -5.15 26.69 31.24
CA PRO B 201 -4.94 27.40 32.51
C PRO B 201 -4.41 26.48 33.60
N THR B 202 -3.55 27.01 34.46
CA THR B 202 -2.87 26.24 35.50
CA THR B 202 -2.87 26.21 35.48
C THR B 202 -3.82 25.54 36.47
N SER B 203 -4.98 26.17 36.74
CA SER B 203 -5.94 25.64 37.71
C SER B 203 -6.61 24.35 37.26
N TRP B 204 -6.57 24.07 35.95
CA TRP B 204 -7.24 22.91 35.39
C TRP B 204 -6.43 21.65 35.67
N THR B 205 -7.11 20.52 35.72
CA THR B 205 -6.50 19.20 35.92
CA THR B 205 -6.41 19.24 35.86
C THR B 205 -6.66 18.39 34.62
N ALA B 206 -5.73 17.49 34.33
CA ALA B 206 -5.82 16.70 33.12
C ALA B 206 -5.01 15.42 33.22
N GLY B 207 -5.39 14.45 32.39
CA GLY B 207 -4.56 13.30 32.11
C GLY B 207 -4.36 13.24 30.60
N ASP B 208 -3.23 12.70 30.15
CA ASP B 208 -2.97 12.66 28.72
C ASP B 208 -2.01 11.56 28.34
N LYS B 209 -1.97 11.25 27.04
CA LYS B 209 -0.94 10.40 26.47
C LYS B 209 -0.40 11.07 25.22
N THR B 210 0.90 11.32 25.21
CA THR B 210 1.59 11.91 24.08
C THR B 210 1.98 10.84 23.06
N GLY B 211 2.34 11.27 21.85
CA GLY B 211 2.97 10.38 20.88
C GLY B 211 3.83 11.15 19.92
N SER B 212 4.84 10.50 19.36
CA SER B 212 5.60 11.12 18.29
C SER B 212 6.17 10.03 17.39
N GLY B 213 6.58 10.44 16.19
CA GLY B 213 7.14 9.50 15.23
C GLY B 213 7.78 10.22 14.07
N ASP B 214 7.98 9.48 12.98
CA ASP B 214 8.59 10.05 11.78
C ASP B 214 7.67 11.09 11.15
N TYR B 215 8.18 11.83 10.16
CA TYR B 215 7.46 12.95 9.56
C TYR B 215 7.08 14.00 10.62
N GLY B 216 7.91 14.08 11.66
CA GLY B 216 7.71 15.06 12.73
C GLY B 216 6.34 14.95 13.39
N THR B 217 5.82 13.72 13.43
CA THR B 217 4.49 13.50 13.96
C THR B 217 4.52 13.76 15.45
N THR B 218 3.58 14.59 15.90
CA THR B 218 3.55 15.04 17.27
C THR B 218 2.09 15.04 17.68
N ASN B 219 1.76 14.20 18.65
CA ASN B 219 0.38 13.92 19.03
C ASN B 219 0.14 14.02 20.53
N ASP B 220 -1.11 14.25 20.92
CA ASP B 220 -1.50 14.17 22.32
C ASP B 220 -3.00 13.95 22.39
N ILE B 221 -3.42 13.10 23.33
CA ILE B 221 -4.85 12.91 23.61
C ILE B 221 -5.06 13.09 25.10
N ALA B 222 -6.11 13.82 25.46
CA ALA B 222 -6.27 14.25 26.86
C ALA B 222 -7.71 14.25 27.33
N VAL B 223 -7.87 13.96 28.62
CA VAL B 223 -9.12 14.19 29.31
CA VAL B 223 -9.13 14.22 29.31
C VAL B 223 -8.83 15.32 30.32
N ILE B 224 -9.69 16.33 30.32
CA ILE B 224 -9.41 17.59 31.01
C ILE B 224 -10.57 17.96 31.91
N TRP B 225 -10.26 18.34 33.15
CA TRP B 225 -11.28 18.85 34.07
C TRP B 225 -11.05 20.35 34.29
N PRO B 226 -11.75 21.19 33.52
CA PRO B 226 -11.58 22.64 33.69
C PRO B 226 -12.14 23.06 35.03
N GLN B 227 -11.61 24.16 35.57
CA GLN B 227 -12.05 24.67 36.85
C GLN B 227 -13.55 24.96 36.82
N GLY B 228 -14.29 24.25 37.67
CA GLY B 228 -15.72 24.48 37.87
C GLY B 228 -16.69 23.86 36.87
N ARG B 229 -16.20 23.35 35.75
N ARG B 229 -16.14 23.28 35.80
CA ARG B 229 -17.10 22.82 34.73
CA ARG B 229 -16.92 22.83 34.64
C ARG B 229 -16.81 21.38 34.33
C ARG B 229 -16.87 21.30 34.45
N ALA B 230 -17.77 20.78 33.61
CA ALA B 230 -17.71 19.37 33.19
C ALA B 230 -16.47 19.09 32.33
N PRO B 231 -15.99 17.84 32.35
CA PRO B 231 -14.75 17.54 31.60
C PRO B 231 -14.83 17.66 30.08
N LEU B 232 -13.65 17.87 29.49
CA LEU B 232 -13.46 17.89 28.06
C LEU B 232 -12.63 16.69 27.65
N VAL B 233 -12.82 16.25 26.42
CA VAL B 233 -11.91 15.30 25.80
C VAL B 233 -11.33 16.00 24.59
N LEU B 234 -10.00 15.98 24.47
CA LEU B 234 -9.34 16.69 23.39
C LEU B 234 -8.26 15.84 22.74
N VAL B 235 -8.35 15.71 21.42
CA VAL B 235 -7.33 15.02 20.62
C VAL B 235 -6.68 16.05 19.70
N THR B 236 -5.35 16.09 19.69
CA THR B 236 -4.60 16.96 18.80
C THR B 236 -3.53 16.11 18.13
N TYR B 237 -3.66 15.96 16.81
CA TYR B 237 -2.71 15.19 16.02
C TYR B 237 -2.01 16.13 15.04
N PHE B 238 -0.73 15.91 14.79
CA PHE B 238 0.03 16.80 13.93
C PHE B 238 1.11 16.01 13.20
N THR B 239 1.22 16.23 11.89
CA THR B 239 2.26 15.55 11.10
C THR B 239 2.76 16.50 10.00
N GLN B 240 3.96 16.24 9.48
CA GLN B 240 4.68 17.22 8.67
C GLN B 240 5.16 16.62 7.35
N PRO B 241 5.50 17.48 6.36
CA PRO B 241 5.89 16.96 5.05
C PRO B 241 7.22 16.22 4.99
N GLN B 242 8.18 16.59 5.83
CA GLN B 242 9.53 16.05 5.80
CA GLN B 242 9.52 16.01 5.76
C GLN B 242 9.69 14.85 6.73
N GLN B 243 10.21 13.73 6.20
CA GLN B 243 10.38 12.50 7.00
C GLN B 243 11.17 12.73 8.30
N ASN B 244 12.17 13.60 8.22
CA ASN B 244 13.07 13.89 9.34
C ASN B 244 12.71 15.13 10.14
N ALA B 245 11.50 15.65 9.94
CA ALA B 245 11.05 16.87 10.64
C ALA B 245 11.15 16.75 12.16
N GLU B 246 11.41 17.88 12.82
CA GLU B 246 11.48 17.93 14.28
C GLU B 246 10.07 17.89 14.89
N SER B 247 10.00 17.46 16.15
CA SER B 247 8.74 17.51 16.90
C SER B 247 8.27 18.93 17.11
N ARG B 248 6.96 19.11 17.19
CA ARG B 248 6.36 20.42 17.39
C ARG B 248 5.27 20.38 18.46
N ARG B 249 5.68 20.10 19.70
N ARG B 249 5.68 20.09 19.70
CA ARG B 249 4.72 20.03 20.79
CA ARG B 249 4.76 20.04 20.82
C ARG B 249 4.05 21.39 21.04
C ARG B 249 4.05 21.38 21.04
N ASP B 250 4.75 22.47 20.71
CA ASP B 250 4.19 23.82 20.80
C ASP B 250 2.92 24.01 19.96
N VAL B 251 2.83 23.31 18.82
CA VAL B 251 1.64 23.38 17.97
C VAL B 251 0.42 22.78 18.69
N LEU B 252 0.66 21.69 19.42
CA LEU B 252 -0.41 21.07 20.21
C LEU B 252 -0.84 21.97 21.36
N ALA B 253 0.13 22.60 22.02
CA ALA B 253 -0.17 23.56 23.07
C ALA B 253 -0.99 24.74 22.52
N SER B 254 -0.60 25.24 21.34
CA SER B 254 -1.30 26.34 20.70
C SER B 254 -2.73 25.96 20.33
N ALA B 255 -2.93 24.73 19.84
CA ALA B 255 -4.28 24.24 19.51
C ALA B 255 -5.14 24.18 20.76
N ALA B 256 -4.56 23.65 21.85
CA ALA B 256 -5.28 23.57 23.12
C ALA B 256 -5.64 24.95 23.67
N ARG B 257 -4.72 25.90 23.53
CA ARG B 257 -4.94 27.27 23.98
C ARG B 257 -6.13 27.90 23.25
N ILE B 258 -6.21 27.66 21.94
CA ILE B 258 -7.33 28.14 21.14
C ILE B 258 -8.66 27.54 21.65
N ILE B 259 -8.65 26.23 21.87
CA ILE B 259 -9.81 25.51 22.41
C ILE B 259 -10.24 26.08 23.78
N ALA B 260 -9.27 26.31 24.67
CA ALA B 260 -9.54 26.80 26.02
C ALA B 260 -10.08 28.24 26.01
N GLU B 261 -9.64 29.03 25.04
CA GLU B 261 -10.09 30.41 24.85
C GLU B 261 -11.56 30.48 24.47
N GLY B 262 -11.99 29.57 23.60
CA GLY B 262 -13.35 29.57 23.08
C GLY B 262 -14.34 28.80 23.94
N LEU B 263 -13.91 28.43 25.15
CA LEU B 263 -14.73 27.67 26.08
C LEU B 263 -15.51 28.61 27.00
#